data_3LHN
#
_entry.id   3LHN
#
_cell.length_a   50.185
_cell.length_b   50.185
_cell.length_c   300.508
_cell.angle_alpha   90.000
_cell.angle_beta   90.000
_cell.angle_gamma   120.000
#
_symmetry.space_group_name_H-M   'P 61 2 2'
#
loop_
_entity.id
_entity.type
_entity.pdbx_description
1 polymer Lipoprotein
2 non-polymer 'SULFATE ION'
3 non-polymer GLYCEROL
4 water water
#
_entity_poly.entity_id   1
_entity_poly.type   'polypeptide(L)'
_entity_poly.pdbx_seq_one_letter_code
;GAPSQGATANAETQTTIPLGDTSQNALDWPGVYEGVLPCASCEGIQTTLTLQADNSFELKSIYLGKDESIFKVAGKFDWD
SNGSKITLSDGSKYLVGENQLL(MSE)LDTEGNRITGGLAEHYILKKKG(MSE)
;
_entity_poly.pdbx_strand_id   A,B
#
# COMPACT_ATOMS: atom_id res chain seq x y z
N LEU A 19 18.72 34.24 6.59
CA LEU A 19 18.09 33.26 5.64
C LEU A 19 18.27 31.83 6.16
N GLY A 20 17.36 30.96 5.70
CA GLY A 20 17.29 29.64 6.19
C GLY A 20 18.28 28.65 5.61
N ASP A 21 18.96 28.00 6.54
CA ASP A 21 19.88 26.94 6.24
C ASP A 21 19.08 25.67 6.19
N THR A 22 18.46 25.47 5.04
CA THR A 22 17.52 24.40 4.80
C THR A 22 17.82 23.60 3.54
N SER A 23 17.27 22.39 3.46
CA SER A 23 17.41 21.60 2.26
C SER A 23 16.81 22.29 1.04
N GLN A 24 15.68 22.99 1.23
CA GLN A 24 15.04 23.72 0.17
C GLN A 24 16.01 24.72 -0.49
N ASN A 25 16.87 25.32 0.31
CA ASN A 25 17.81 26.30 -0.18
C ASN A 25 19.14 25.69 -0.60
N ALA A 26 19.47 24.51 -0.10
CA ALA A 26 20.76 23.88 -0.33
C ALA A 26 20.81 23.00 -1.55
N LEU A 27 19.70 22.36 -1.88
CA LEU A 27 19.68 21.29 -2.87
C LEU A 27 19.21 21.77 -4.23
N ASP A 28 19.73 21.13 -5.27
CA ASP A 28 19.25 21.31 -6.64
C ASP A 28 18.09 20.28 -6.73
N TRP A 29 16.99 20.60 -6.09
CA TRP A 29 15.84 19.67 -5.99
C TRP A 29 14.86 19.69 -7.18
N PRO A 30 14.71 20.80 -7.91
CA PRO A 30 13.83 20.72 -9.12
C PRO A 30 14.37 19.61 -10.03
N GLY A 31 13.48 18.76 -10.50
CA GLY A 31 13.89 17.65 -11.32
C GLY A 31 12.93 16.49 -11.24
N VAL A 32 13.38 15.38 -11.81
CA VAL A 32 12.58 14.20 -12.00
C VAL A 32 13.13 13.06 -11.17
N TYR A 33 12.27 12.42 -10.41
CA TYR A 33 12.63 11.34 -9.50
C TYR A 33 11.82 10.11 -9.79
N GLU A 34 12.45 8.94 -9.75
CA GLU A 34 11.79 7.72 -10.15
C GLU A 34 12.04 6.59 -9.16
N GLY A 35 11.05 5.71 -9.03
CA GLY A 35 11.21 4.51 -8.25
C GLY A 35 10.00 3.62 -8.41
N VAL A 36 10.02 2.48 -7.76
CA VAL A 36 8.90 1.55 -7.78
C VAL A 36 8.45 1.36 -6.32
N LEU A 37 7.34 1.98 -5.95
CA LEU A 37 6.87 2.03 -4.58
C LEU A 37 6.00 0.82 -4.30
N PRO A 38 5.89 0.43 -3.02
CA PRO A 38 4.97 -0.64 -2.70
C PRO A 38 3.54 -0.27 -2.97
N CYS A 39 2.74 -1.26 -3.34
CA CYS A 39 1.34 -1.04 -3.71
C CYS A 39 0.45 -1.81 -2.76
N ALA A 40 -0.58 -1.18 -2.20
CA ALA A 40 -1.45 -1.89 -1.26
C ALA A 40 -2.08 -3.15 -1.85
N SER A 41 -2.43 -3.12 -3.13
CA SER A 41 -3.08 -4.31 -3.71
C SER A 41 -2.70 -4.55 -5.15
N CYS A 42 -1.42 -4.43 -5.41
CA CYS A 42 -0.90 -4.67 -6.76
C CYS A 42 0.59 -4.87 -6.67
N GLU A 43 1.18 -5.19 -7.81
CA GLU A 43 2.59 -5.56 -7.84
C GLU A 43 3.51 -4.46 -7.33
N GLY A 44 3.22 -3.21 -7.68
CA GLY A 44 4.05 -2.11 -7.30
C GLY A 44 3.62 -0.87 -8.08
N ILE A 45 4.17 0.28 -7.72
CA ILE A 45 3.76 1.53 -8.36
C ILE A 45 4.99 2.15 -9.00
N GLN A 46 5.13 2.01 -10.32
CA GLN A 46 6.25 2.63 -11.03
C GLN A 46 5.97 4.11 -11.07
N THR A 47 6.77 4.88 -10.38
CA THR A 47 6.50 6.29 -10.08
C THR A 47 7.51 7.22 -10.68
N THR A 48 7.05 8.30 -11.26
CA THR A 48 7.87 9.40 -11.79
C THR A 48 7.29 10.69 -11.23
N LEU A 49 8.06 11.38 -10.41
CA LEU A 49 7.61 12.63 -9.75
C LEU A 49 8.56 13.73 -10.17
N THR A 50 7.96 14.74 -10.80
CA THR A 50 8.68 15.90 -11.36
C THR A 50 8.32 17.12 -10.50
N LEU A 51 9.32 17.77 -9.94
CA LEU A 51 9.17 18.97 -9.12
C LEU A 51 9.72 20.17 -9.86
N GLN A 52 9.00 21.26 -9.89
CA GLN A 52 9.50 22.54 -10.41
C GLN A 52 9.84 23.52 -9.30
N ALA A 53 10.70 24.49 -9.62
CA ALA A 53 11.14 25.51 -8.67
C ALA A 53 9.99 26.32 -8.13
N ASP A 54 8.90 26.47 -8.91
CA ASP A 54 7.72 27.23 -8.45
C ASP A 54 6.75 26.45 -7.58
N ASN A 55 7.20 25.29 -7.14
CA ASN A 55 6.46 24.42 -6.23
C ASN A 55 5.26 23.77 -6.89
N SER A 56 5.32 23.56 -8.19
CA SER A 56 4.34 22.78 -8.92
C SER A 56 4.96 21.42 -9.18
N PHE A 57 4.09 20.42 -9.35
CA PHE A 57 4.56 19.09 -9.61
C PHE A 57 3.70 18.36 -10.61
N GLU A 58 4.30 17.32 -11.19
CA GLU A 58 3.58 16.34 -12.02
C GLU A 58 3.98 14.94 -11.57
N LEU A 59 2.99 14.07 -11.35
CA LEU A 59 3.25 12.73 -10.87
C LEU A 59 2.64 11.77 -11.87
N LYS A 60 3.42 10.77 -12.30
N LYS A 60 3.39 10.73 -12.24
CA LYS A 60 2.89 9.65 -13.05
CA LYS A 60 2.85 9.66 -13.07
C LYS A 60 3.09 8.41 -12.18
C LYS A 60 3.13 8.33 -12.40
N SER A 61 2.06 7.60 -12.11
CA SER A 61 2.07 6.36 -11.31
C SER A 61 1.50 5.24 -12.15
N ILE A 62 2.30 4.25 -12.53
CA ILE A 62 1.80 3.06 -13.21
C ILE A 62 1.64 1.97 -12.18
N TYR A 63 0.39 1.59 -11.94
CA TYR A 63 0.08 0.51 -11.04
C TYR A 63 0.27 -0.79 -11.80
N LEU A 64 1.31 -1.51 -11.45
CA LEU A 64 1.79 -2.69 -12.14
C LEU A 64 0.95 -3.91 -11.78
N GLY A 65 1.00 -4.90 -12.66
CA GLY A 65 0.34 -6.18 -12.43
C GLY A 65 -0.53 -6.60 -13.58
N LYS A 66 -1.35 -7.60 -13.29
N LYS A 66 -1.35 -7.62 -13.36
CA LYS A 66 -2.21 -8.21 -14.28
CA LYS A 66 -2.20 -8.10 -14.45
C LYS A 66 -3.33 -7.25 -14.72
C LYS A 66 -3.14 -7.01 -14.87
N ASP A 67 -3.60 -6.23 -13.89
CA ASP A 67 -4.63 -5.22 -14.15
C ASP A 67 -4.04 -3.79 -14.15
N GLU A 68 -3.22 -3.48 -15.15
CA GLU A 68 -2.44 -2.23 -15.07
C GLU A 68 -3.29 -0.99 -15.25
N SER A 69 -2.97 0.07 -14.53
CA SER A 69 -3.59 1.35 -14.73
C SER A 69 -2.55 2.42 -14.60
N ILE A 70 -2.87 3.59 -15.12
CA ILE A 70 -1.96 4.71 -15.10
C ILE A 70 -2.62 5.95 -14.56
N PHE A 71 -2.00 6.55 -13.53
CA PHE A 71 -2.49 7.78 -12.93
C PHE A 71 -1.54 8.90 -13.27
N LYS A 72 -2.07 10.06 -13.57
CA LYS A 72 -1.25 11.24 -13.79
C LYS A 72 -1.86 12.37 -13.00
N VAL A 73 -1.08 13.03 -12.12
CA VAL A 73 -1.58 14.04 -11.19
C VAL A 73 -0.74 15.29 -11.39
N ALA A 74 -1.37 16.45 -11.45
CA ALA A 74 -0.66 17.70 -11.53
C ALA A 74 -1.23 18.58 -10.45
N GLY A 75 -0.35 19.32 -9.80
CA GLY A 75 -0.77 20.22 -8.73
C GLY A 75 0.35 21.01 -8.15
N LYS A 76 0.13 21.54 -6.97
CA LYS A 76 1.15 22.30 -6.26
C LYS A 76 1.51 21.55 -5.00
N PHE A 77 2.68 21.84 -4.49
CA PHE A 77 3.10 21.26 -3.23
C PHE A 77 3.60 22.37 -2.30
N ASP A 78 3.71 22.03 -1.03
N ASP A 78 3.62 22.05 -1.01
CA ASP A 78 4.17 22.97 -0.03
CA ASP A 78 4.06 22.96 0.05
C ASP A 78 5.23 22.35 0.83
C ASP A 78 5.24 22.36 0.82
N TRP A 79 6.12 23.22 1.31
CA TRP A 79 7.21 22.84 2.17
C TRP A 79 6.87 23.09 3.62
N ASP A 80 7.40 22.24 4.50
CA ASP A 80 7.29 22.54 5.92
C ASP A 80 8.19 23.75 6.33
N SER A 81 7.98 24.25 7.54
CA SER A 81 8.69 25.43 7.99
C SER A 81 10.21 25.18 8.03
N ASN A 82 10.60 23.92 8.22
CA ASN A 82 12.02 23.56 8.23
C ASN A 82 12.61 23.47 6.83
N GLY A 83 11.83 23.61 5.78
CA GLY A 83 12.36 23.53 4.40
C GLY A 83 12.98 22.19 4.07
N SER A 84 12.36 21.12 4.57
CA SER A 84 12.87 19.80 4.43
C SER A 84 11.91 18.79 3.82
N LYS A 85 10.63 18.96 4.13
CA LYS A 85 9.63 17.99 3.73
C LYS A 85 8.59 18.68 2.90
N ILE A 86 8.13 18.00 1.85
CA ILE A 86 7.09 18.52 0.99
C ILE A 86 5.81 17.68 1.10
N THR A 87 4.68 18.36 0.98
CA THR A 87 3.36 17.70 0.95
C THR A 87 2.72 18.02 -0.40
N LEU A 88 2.45 16.99 -1.17
CA LEU A 88 1.78 17.14 -2.48
C LEU A 88 0.29 17.34 -2.26
N SER A 89 -0.38 17.87 -3.27
N SER A 89 -0.39 17.69 -3.36
CA SER A 89 -1.82 18.12 -3.18
CA SER A 89 -1.85 17.93 -3.42
C SER A 89 -2.65 16.86 -2.92
C SER A 89 -2.62 16.83 -2.87
N ASP A 90 -2.14 15.64 -3.18
CA ASP A 90 -2.81 14.40 -2.87
C ASP A 90 -2.54 13.93 -1.46
N GLY A 91 -1.81 14.77 -0.71
CA GLY A 91 -1.52 14.46 0.68
C GLY A 91 -0.24 13.65 0.93
N SER A 92 0.42 13.15 -0.12
N SER A 92 0.38 13.16 -0.15
CA SER A 92 1.65 12.42 0.08
CA SER A 92 1.62 12.41 -0.05
C SER A 92 2.77 13.39 0.51
C SER A 92 2.72 13.32 0.47
N LYS A 93 3.62 12.90 1.39
N LYS A 93 3.66 12.72 1.20
CA LYS A 93 4.74 13.66 1.91
CA LYS A 93 4.73 13.43 1.87
C LYS A 93 6.05 12.98 1.55
C LYS A 93 6.10 12.90 1.50
N TYR A 94 7.06 13.82 1.26
CA TYR A 94 8.39 13.36 0.96
C TYR A 94 9.46 14.17 1.67
N LEU A 95 10.52 13.50 2.05
CA LEU A 95 11.71 14.16 2.59
C LEU A 95 12.61 14.42 1.40
N VAL A 96 12.99 15.68 1.19
CA VAL A 96 13.79 16.05 0.02
C VAL A 96 15.25 15.90 0.42
N GLY A 97 16.00 15.07 -0.31
CA GLY A 97 17.35 14.78 0.03
C GLY A 97 18.29 14.93 -1.15
N GLU A 98 19.55 14.58 -0.95
CA GLU A 98 20.53 14.65 -2.03
C GLU A 98 20.24 13.62 -3.11
N ASN A 99 19.91 14.12 -4.31
CA ASN A 99 19.57 13.30 -5.47
C ASN A 99 18.41 12.32 -5.23
N GLN A 100 17.54 12.62 -4.28
CA GLN A 100 16.41 11.72 -4.02
C GLN A 100 15.30 12.38 -3.24
N LEU A 101 14.15 11.74 -3.35
CA LEU A 101 13.01 12.00 -2.47
C LEU A 101 12.70 10.73 -1.71
N LEU A 102 12.37 10.84 -0.44
CA LEU A 102 12.00 9.67 0.35
C LEU A 102 10.58 9.84 0.77
N LEU A 104 7.44 9.60 2.96
CA LEU A 104 7.24 9.54 4.40
C LEU A 104 5.83 9.00 4.66
N ASP A 105 5.58 8.63 5.91
CA ASP A 105 4.22 8.24 6.28
C ASP A 105 3.34 9.48 6.54
N THR A 106 2.06 9.30 6.87
CA THR A 106 1.16 10.44 7.04
C THR A 106 1.51 11.32 8.20
N GLU A 107 2.34 10.80 9.11
CA GLU A 107 2.86 11.65 10.21
C GLU A 107 4.07 12.46 9.81
N GLY A 108 4.59 12.22 8.62
CA GLY A 108 5.79 12.84 8.16
C GLY A 108 7.06 12.15 8.66
N ASN A 109 6.94 10.92 9.13
CA ASN A 109 8.09 10.19 9.64
C ASN A 109 8.66 9.25 8.59
N ARG A 110 9.96 8.99 8.67
N ARG A 110 9.95 8.94 8.73
CA ARG A 110 10.61 8.02 7.80
CA ARG A 110 10.61 7.98 7.90
C ARG A 110 10.07 6.62 8.08
C ARG A 110 9.94 6.62 8.10
N ILE A 111 9.73 5.91 7.01
CA ILE A 111 9.11 4.58 7.07
C ILE A 111 10.19 3.54 7.38
N THR A 112 9.97 2.74 8.41
CA THR A 112 10.94 1.76 8.87
C THR A 112 10.46 0.39 8.44
N GLY A 113 11.14 -0.67 8.87
CA GLY A 113 10.75 -2.02 8.53
C GLY A 113 11.35 -2.60 7.26
N GLY A 114 10.83 -3.78 6.91
CA GLY A 114 11.31 -4.58 5.80
C GLY A 114 11.36 -3.92 4.44
N LEU A 115 10.43 -3.00 4.17
CA LEU A 115 10.37 -2.39 2.86
C LEU A 115 10.88 -0.95 2.84
N ALA A 116 11.62 -0.54 3.88
CA ALA A 116 12.03 0.85 4.03
C ALA A 116 12.68 1.47 2.79
N GLU A 117 13.56 0.72 2.14
CA GLU A 117 14.28 1.29 1.01
C GLU A 117 13.43 1.41 -0.26
N HIS A 118 12.28 0.73 -0.26
CA HIS A 118 11.38 0.82 -1.38
C HIS A 118 10.63 2.16 -1.53
N TYR A 119 10.81 3.07 -0.57
CA TYR A 119 10.14 4.36 -0.56
C TYR A 119 11.04 5.49 -1.12
N ILE A 120 12.19 5.11 -1.65
CA ILE A 120 13.15 6.08 -2.23
C ILE A 120 12.85 6.28 -3.71
N LEU A 121 12.70 7.55 -4.09
CA LEU A 121 12.68 7.94 -5.51
C LEU A 121 14.01 8.64 -5.84
N LYS A 122 14.82 8.05 -6.70
N LYS A 122 14.78 8.07 -6.74
CA LYS A 122 16.12 8.67 -7.05
CA LYS A 122 16.12 8.58 -7.09
C LYS A 122 15.99 9.56 -8.23
C LYS A 122 16.00 9.53 -8.27
N LYS A 123 16.80 10.60 -8.27
CA LYS A 123 16.85 11.45 -9.43
C LYS A 123 17.14 10.67 -10.67
N LYS A 124 16.49 11.04 -11.76
CA LYS A 124 16.64 10.29 -13.00
C LYS A 124 18.07 10.30 -13.52
N GLY A 125 18.54 9.14 -13.98
N GLY A 125 18.41 9.22 -14.24
CA GLY A 125 19.93 9.00 -14.40
CA GLY A 125 19.75 9.01 -14.84
C GLY A 125 20.84 8.64 -13.23
C GLY A 125 20.61 8.37 -13.77
N GLY B 20 -20.19 -28.85 -6.41
CA GLY B 20 -19.95 -28.79 -4.95
C GLY B 20 -18.48 -29.01 -4.56
N ASP B 21 -17.65 -29.41 -5.51
CA ASP B 21 -16.25 -29.72 -5.23
C ASP B 21 -15.47 -28.43 -5.28
N THR B 22 -15.62 -27.65 -4.21
CA THR B 22 -15.03 -26.33 -4.11
C THR B 22 -14.17 -26.17 -2.87
N SER B 23 -13.32 -25.14 -2.83
CA SER B 23 -12.58 -24.81 -1.62
C SER B 23 -13.48 -24.46 -0.45
N GLN B 24 -14.59 -23.79 -0.73
CA GLN B 24 -15.56 -23.43 0.27
C GLN B 24 -16.04 -24.68 1.01
N ASN B 25 -16.21 -25.79 0.31
CA ASN B 25 -16.63 -27.05 0.94
C ASN B 25 -15.47 -27.88 1.46
N ALA B 26 -14.30 -27.73 0.88
CA ALA B 26 -13.14 -28.59 1.18
C ALA B 26 -12.36 -28.16 2.41
N LEU B 27 -12.25 -26.85 2.60
CA LEU B 27 -11.28 -26.28 3.55
C LEU B 27 -11.91 -25.96 4.87
N ASP B 28 -11.10 -26.10 5.92
CA ASP B 28 -11.48 -25.59 7.24
C ASP B 28 -11.11 -24.10 7.26
N TRP B 29 -11.84 -23.31 6.49
CA TRP B 29 -11.53 -21.91 6.33
C TRP B 29 -12.00 -21.01 7.44
N PRO B 30 -13.02 -21.36 8.22
CA PRO B 30 -13.37 -20.40 9.28
C PRO B 30 -12.20 -20.29 10.24
N GLY B 31 -11.93 -19.08 10.71
CA GLY B 31 -10.81 -18.85 11.59
C GLY B 31 -10.18 -17.49 11.40
N VAL B 32 -9.02 -17.34 11.97
CA VAL B 32 -8.31 -16.07 12.05
C VAL B 32 -7.05 -16.16 11.21
N TYR B 33 -6.84 -15.18 10.34
CA TYR B 33 -5.70 -15.10 9.48
C TYR B 33 -4.93 -13.81 9.71
N GLU B 34 -3.62 -13.87 9.69
CA GLU B 34 -2.81 -12.74 10.02
C GLU B 34 -1.60 -12.59 9.09
N GLY B 35 -1.19 -11.35 8.89
CA GLY B 35 0.02 -11.04 8.12
C GLY B 35 0.28 -9.57 8.20
N VAL B 36 1.43 -9.16 7.70
CA VAL B 36 1.79 -7.75 7.57
C VAL B 36 1.88 -7.47 6.08
N LEU B 37 0.87 -6.78 5.59
CA LEU B 37 0.71 -6.50 4.18
C LEU B 37 1.47 -5.21 3.82
N PRO B 38 1.89 -5.06 2.56
CA PRO B 38 2.51 -3.79 2.16
C PRO B 38 1.56 -2.63 2.30
N CYS B 39 2.08 -1.49 2.69
CA CYS B 39 1.34 -0.28 2.92
C CYS B 39 1.81 0.78 1.93
N ALA B 40 0.87 1.49 1.29
CA ALA B 40 1.27 2.51 0.33
C ALA B 40 2.12 3.59 0.95
N SER B 41 1.84 3.98 2.20
CA SER B 41 2.60 5.08 2.81
C SER B 41 2.84 4.83 4.25
N CYS B 42 3.25 3.62 4.59
CA CYS B 42 3.61 3.31 5.98
C CYS B 42 4.42 2.02 6.01
N GLU B 43 4.94 1.66 7.19
CA GLU B 43 5.76 0.48 7.32
C GLU B 43 5.10 -0.80 6.84
N GLY B 44 3.82 -0.95 7.13
CA GLY B 44 3.12 -2.16 6.80
C GLY B 44 1.75 -2.13 7.46
N ILE B 45 0.88 -3.02 7.00
CA ILE B 45 -0.50 -3.10 7.53
C ILE B 45 -0.60 -4.44 8.24
N GLN B 46 -0.53 -4.41 9.57
CA GLN B 46 -0.63 -5.63 10.38
C GLN B 46 -2.09 -5.98 10.41
N THR B 47 -2.40 -7.07 9.72
CA THR B 47 -3.77 -7.41 9.38
C THR B 47 -4.22 -8.68 10.07
N THR B 48 -5.42 -8.60 10.64
CA THR B 48 -6.10 -9.75 11.18
C THR B 48 -7.46 -9.84 10.52
N LEU B 49 -7.75 -10.96 9.88
CA LEU B 49 -9.01 -11.19 9.20
C LEU B 49 -9.63 -12.46 9.73
N THR B 50 -10.79 -12.32 10.36
CA THR B 50 -11.50 -13.44 10.98
C THR B 50 -12.73 -13.72 10.15
N LEU B 51 -12.84 -14.96 9.69
CA LEU B 51 -13.95 -15.45 8.91
C LEU B 51 -14.79 -16.41 9.74
N GLN B 52 -16.11 -16.31 9.63
CA GLN B 52 -17.03 -17.26 10.23
C GLN B 52 -17.75 -18.07 9.18
N ALA B 53 -18.25 -19.24 9.61
CA ALA B 53 -18.99 -20.15 8.76
C ALA B 53 -20.22 -19.55 8.14
N ASP B 54 -20.84 -18.59 8.82
CA ASP B 54 -22.02 -17.89 8.31
C ASP B 54 -21.72 -16.76 7.30
N ASN B 55 -20.48 -16.69 6.80
CA ASN B 55 -20.04 -15.72 5.84
C ASN B 55 -19.98 -14.32 6.36
N SER B 56 -19.79 -14.18 7.67
CA SER B 56 -19.48 -12.90 8.26
C SER B 56 -17.96 -12.86 8.53
N PHE B 57 -17.46 -11.64 8.68
CA PHE B 57 -16.05 -11.41 8.94
C PHE B 57 -15.81 -10.18 9.78
N GLU B 58 -14.62 -10.17 10.39
N GLU B 58 -14.63 -10.17 10.41
CA GLU B 58 -14.08 -9.01 11.08
CA GLU B 58 -14.10 -8.96 11.03
C GLU B 58 -12.66 -8.76 10.56
C GLU B 58 -12.69 -8.78 10.49
N LEU B 59 -12.42 -7.57 10.05
CA LEU B 59 -11.10 -7.19 9.54
C LEU B 59 -10.53 -6.12 10.44
N LYS B 60 -9.30 -6.31 10.91
N LYS B 60 -9.30 -6.31 10.91
CA LYS B 60 -8.59 -5.28 11.66
CA LYS B 60 -8.57 -5.29 11.68
C LYS B 60 -7.29 -5.02 10.90
C LYS B 60 -7.23 -5.01 10.99
N SER B 61 -7.03 -3.75 10.62
CA SER B 61 -5.87 -3.33 9.89
C SER B 61 -5.16 -2.28 10.71
N ILE B 62 -3.93 -2.58 11.15
CA ILE B 62 -3.14 -1.66 11.95
C ILE B 62 -2.08 -1.09 11.04
N TYR B 63 -2.14 0.22 10.81
CA TYR B 63 -1.17 0.88 9.98
C TYR B 63 0.03 1.20 10.87
N LEU B 64 1.10 0.50 10.65
CA LEU B 64 2.26 0.55 11.54
C LEU B 64 2.96 1.90 11.40
N GLY B 65 3.39 2.45 12.52
CA GLY B 65 4.08 3.73 12.60
C GLY B 65 4.17 4.15 14.06
N LYS B 66 4.55 5.40 14.32
CA LYS B 66 4.70 5.84 15.71
C LYS B 66 3.36 6.01 16.44
N ASP B 67 2.28 6.43 15.73
N ASP B 67 2.31 6.40 15.75
CA ASP B 67 0.92 6.63 16.34
CA ASP B 67 1.06 6.58 16.46
C ASP B 67 -0.06 5.41 16.38
C ASP B 67 0.03 5.58 16.02
N GLU B 68 0.27 4.33 15.70
N GLU B 68 0.56 4.56 15.36
CA GLU B 68 -0.75 3.29 15.32
CA GLU B 68 -0.28 3.70 14.52
C GLU B 68 -2.24 3.75 15.06
C GLU B 68 -1.73 4.11 14.56
N SER B 69 -2.71 3.36 13.90
N SER B 69 -2.39 3.83 13.43
CA SER B 69 -3.92 3.86 13.35
CA SER B 69 -3.85 3.94 13.33
C SER B 69 -4.52 2.52 13.04
C SER B 69 -4.46 2.53 13.12
N ILE B 70 -5.77 2.37 13.39
CA ILE B 70 -6.43 1.07 13.29
C ILE B 70 -7.75 1.22 12.56
N PHE B 71 -7.90 0.46 11.48
CA PHE B 71 -9.16 0.43 10.72
C PHE B 71 -9.88 -0.90 10.97
N LYS B 72 -11.15 -0.89 11.37
CA LYS B 72 -11.88 -2.12 11.62
C LYS B 72 -13.13 -2.09 10.81
N VAL B 73 -13.43 -3.21 10.15
N VAL B 73 -13.39 -3.24 10.16
CA VAL B 73 -14.72 -3.35 9.50
CA VAL B 73 -14.60 -3.46 9.38
C VAL B 73 -15.21 -4.76 9.72
C VAL B 73 -15.19 -4.80 9.80
N ALA B 74 -16.50 -4.83 10.04
CA ALA B 74 -17.21 -6.10 10.26
C ALA B 74 -18.40 -6.08 9.33
N GLY B 75 -18.64 -7.19 8.67
CA GLY B 75 -19.75 -7.31 7.75
C GLY B 75 -19.88 -8.69 7.19
N LYS B 76 -20.55 -8.79 6.07
CA LYS B 76 -20.71 -10.05 5.34
C LYS B 76 -19.77 -10.08 4.17
N PHE B 77 -19.34 -11.27 3.79
CA PHE B 77 -18.57 -11.45 2.57
C PHE B 77 -19.27 -12.41 1.64
N ASP B 78 -18.88 -12.34 0.37
CA ASP B 78 -19.45 -13.15 -0.67
C ASP B 78 -18.40 -14.04 -1.30
N TRP B 79 -18.83 -15.23 -1.66
CA TRP B 79 -18.04 -16.18 -2.40
C TRP B 79 -18.28 -16.01 -3.87
N ASP B 80 -17.26 -16.29 -4.68
CA ASP B 80 -17.46 -16.27 -6.12
C ASP B 80 -18.14 -17.58 -6.54
N SER B 81 -18.51 -17.65 -7.82
CA SER B 81 -19.27 -18.81 -8.29
C SER B 81 -18.45 -20.12 -8.23
N ASN B 82 -17.14 -20.02 -8.22
CA ASN B 82 -16.30 -21.20 -8.07
C ASN B 82 -16.09 -21.63 -6.61
N GLY B 83 -16.64 -20.89 -5.64
CA GLY B 83 -16.40 -21.21 -4.23
C GLY B 83 -14.91 -21.14 -3.84
N SER B 84 -14.16 -20.17 -4.42
CA SER B 84 -12.74 -20.12 -4.26
C SER B 84 -12.21 -18.79 -3.76
N LYS B 85 -12.84 -17.72 -4.19
CA LYS B 85 -12.45 -16.35 -3.85
C LYS B 85 -13.56 -15.65 -3.11
N ILE B 86 -13.19 -14.84 -2.13
CA ILE B 86 -14.13 -14.08 -1.35
C ILE B 86 -13.93 -12.59 -1.56
N THR B 87 -15.02 -11.84 -1.47
CA THR B 87 -15.02 -10.40 -1.49
C THR B 87 -15.65 -9.86 -0.20
N LEU B 88 -14.89 -9.07 0.53
CA LEU B 88 -15.32 -8.47 1.79
C LEU B 88 -16.16 -7.21 1.51
N SER B 89 -16.86 -6.73 2.53
CA SER B 89 -17.66 -5.51 2.39
C SER B 89 -16.81 -4.21 2.18
N ASP B 90 -15.51 -4.22 2.41
CA ASP B 90 -14.65 -3.07 2.08
C ASP B 90 -14.13 -3.15 0.64
N GLY B 91 -14.59 -4.15 -0.12
CA GLY B 91 -14.17 -4.38 -1.51
C GLY B 91 -12.94 -5.26 -1.72
N SER B 92 -12.26 -5.60 -0.64
N SER B 92 -12.23 -5.61 -0.65
CA SER B 92 -11.03 -6.37 -0.76
CA SER B 92 -11.00 -6.42 -0.80
C SER B 92 -11.38 -7.83 -1.04
C SER B 92 -11.30 -7.86 -1.26
N LYS B 93 -10.53 -8.47 -1.87
N LYS B 93 -10.36 -8.46 -1.96
CA LYS B 93 -10.72 -9.85 -2.32
CA LYS B 93 -10.58 -9.76 -2.52
C LYS B 93 -9.58 -10.78 -1.88
C LYS B 93 -9.44 -10.67 -2.13
N TYR B 94 -9.92 -12.07 -1.67
N TYR B 94 -9.83 -11.88 -1.73
CA TYR B 94 -8.95 -13.04 -1.20
CA TYR B 94 -8.88 -12.92 -1.33
C TYR B 94 -9.19 -14.36 -1.84
C TYR B 94 -9.17 -14.26 -1.97
N LEU B 95 -8.10 -15.01 -2.23
CA LEU B 95 -8.15 -16.41 -2.61
C LEU B 95 -8.02 -17.28 -1.37
N VAL B 96 -9.01 -18.12 -1.11
CA VAL B 96 -9.03 -18.96 0.08
C VAL B 96 -8.24 -20.21 -0.20
N GLY B 97 -7.18 -20.45 0.57
CA GLY B 97 -6.33 -21.59 0.34
C GLY B 97 -6.05 -22.37 1.57
N GLU B 98 -5.20 -23.36 1.46
N GLU B 98 -5.15 -23.32 1.45
CA GLU B 98 -4.92 -24.22 2.63
CA GLU B 98 -4.82 -24.18 2.60
C GLU B 98 -4.11 -23.46 3.67
C GLU B 98 -4.10 -23.38 3.67
N ASN B 99 -4.74 -23.25 4.81
CA ASN B 99 -4.13 -22.53 5.96
C ASN B 99 -3.80 -21.07 5.65
N GLN B 100 -4.44 -20.49 4.66
CA GLN B 100 -4.11 -19.10 4.28
C GLN B 100 -5.19 -18.45 3.46
N LEU B 101 -5.09 -17.14 3.40
CA LEU B 101 -5.83 -16.32 2.46
C LEU B 101 -4.77 -15.55 1.68
N LEU B 102 -5.00 -15.30 0.41
CA LEU B 102 -4.04 -14.58 -0.42
C LEU B 102 -4.78 -13.38 -0.92
N LEU B 104 -5.84 -10.51 -3.23
CA LEU B 104 -5.80 -10.30 -4.68
C LEU B 104 -5.91 -8.82 -5.05
N ASP B 105 -5.73 -8.52 -6.33
CA ASP B 105 -5.92 -7.13 -6.78
C ASP B 105 -7.41 -6.81 -6.88
N THR B 106 -7.70 -5.54 -7.17
N THR B 106 -7.80 -5.63 -7.36
CA THR B 106 -9.04 -4.98 -7.19
CA THR B 106 -9.24 -5.32 -7.40
C THR B 106 -10.04 -5.79 -7.99
C THR B 106 -10.08 -6.21 -8.36
N GLU B 107 -9.51 -6.49 -8.99
N GLU B 107 -9.46 -6.72 -9.43
CA GLU B 107 -10.30 -7.26 -9.92
CA GLU B 107 -10.12 -7.63 -10.35
C GLU B 107 -10.17 -8.79 -9.78
C GLU B 107 -10.20 -9.02 -9.79
N GLY B 108 -9.58 -9.24 -8.67
CA GLY B 108 -9.49 -10.63 -8.22
C GLY B 108 -8.37 -11.42 -8.82
N ASN B 109 -7.37 -10.75 -9.41
CA ASN B 109 -6.21 -11.43 -9.94
C ASN B 109 -5.09 -11.51 -8.92
N ARG B 110 -4.27 -12.55 -9.01
N ARG B 110 -4.25 -12.52 -9.06
CA ARG B 110 -3.12 -12.69 -8.13
CA ARG B 110 -3.08 -12.68 -8.26
C ARG B 110 -2.10 -11.58 -8.41
C ARG B 110 -2.15 -11.48 -8.44
N ILE B 111 -1.54 -11.09 -7.31
CA ILE B 111 -0.56 -10.02 -7.28
C ILE B 111 0.80 -10.65 -7.54
N THR B 112 1.44 -10.19 -8.61
CA THR B 112 2.71 -10.70 -9.10
C THR B 112 3.89 -9.90 -8.59
N GLY B 113 5.09 -10.33 -8.96
CA GLY B 113 6.28 -9.58 -8.64
C GLY B 113 7.03 -9.94 -7.40
N GLY B 114 8.04 -9.14 -7.11
CA GLY B 114 8.94 -9.42 -6.04
C GLY B 114 8.33 -9.51 -4.67
N LEU B 115 7.24 -8.79 -4.43
CA LEU B 115 6.60 -8.80 -3.12
C LEU B 115 5.37 -9.71 -3.06
N ALA B 116 5.22 -10.61 -4.04
CA ALA B 116 4.02 -11.44 -4.11
C ALA B 116 3.69 -12.17 -2.81
N GLU B 117 4.71 -12.65 -2.12
N GLU B 117 4.74 -12.64 -2.13
CA GLU B 117 4.43 -13.41 -0.88
CA GLU B 117 4.59 -13.39 -0.87
C GLU B 117 4.00 -12.56 0.29
C GLU B 117 4.11 -12.57 0.31
N HIS B 118 4.20 -11.24 0.18
CA HIS B 118 3.77 -10.36 1.26
C HIS B 118 2.25 -10.20 1.34
N TYR B 119 1.52 -10.75 0.39
CA TYR B 119 0.06 -10.59 0.32
C TYR B 119 -0.64 -11.81 0.96
N ILE B 120 0.11 -12.71 1.56
CA ILE B 120 -0.45 -13.91 2.24
C ILE B 120 -0.80 -13.61 3.70
N LEU B 121 -1.99 -14.03 4.10
CA LEU B 121 -2.42 -13.99 5.52
C LEU B 121 -2.50 -15.45 5.93
N LYS B 122 -1.62 -15.84 6.83
N LYS B 122 -1.66 -15.89 6.86
CA LYS B 122 -1.58 -17.22 7.30
CA LYS B 122 -1.66 -17.31 7.27
C LYS B 122 -2.54 -17.37 8.47
C LYS B 122 -2.60 -17.52 8.45
N LYS B 123 -3.25 -18.51 8.52
N LYS B 123 -3.08 -18.75 8.66
CA LYS B 123 -4.02 -18.91 9.70
CA LYS B 123 -3.82 -18.99 9.85
C LYS B 123 -3.16 -18.79 10.95
C LYS B 123 -2.99 -18.64 11.02
N LYS B 124 -3.69 -18.18 12.02
CA LYS B 124 -2.95 -17.91 13.24
C LYS B 124 -2.42 -19.19 13.83
N GLY B 125 -1.18 -19.10 14.26
CA GLY B 125 -0.46 -20.23 14.86
C GLY B 125 0.45 -20.87 13.84
#